data_6NTF
#
_entry.id   6NTF
#
_cell.length_a   101.518
_cell.length_b   101.518
_cell.length_c   450.084
_cell.angle_alpha   90.00
_cell.angle_beta   90.00
_cell.angle_gamma   120.00
#
_symmetry.space_group_name_H-M   'H 3 2'
#
loop_
_entity.id
_entity.type
_entity.pdbx_description
1 polymer Hemagglutinin
2 branched 2-acetamido-2-deoxy-beta-D-glucopyranose-(1-4)-2-acetamido-2-deoxy-beta-D-glucopyranose
3 non-polymer 2-acetamido-2-deoxy-beta-D-glucopyranose
4 non-polymer DI(HYDROXYETHYL)ETHER
5 non-polymer 'MAGNESIUM ION'
#
_entity_poly.entity_id   1
_entity_poly.type   'polypeptide(L)'
_entity_poly.pdbx_seq_one_letter_code
;DQICIGYHANNSTEQVDTIMEKNVTVTHAQDILEKTHNGKLCDLDGVKPLILRDCSVAGWLLGNPMCDEFINVPEWSYIV
EKANPANDLCFPGNFNDYEELKHLLSRINHFEKIQIIPKSSWSDHEASSGVSSACPYQGSPSFFRNVVWLIKKNNTYPTI
KRSYNNTNQEDLLVLWGIHHPNDAAEQTRLYQNPTTYISVGTSTLNQRLVPKIATRSKVNGQSGRMEFFWTILKPNDAIN
FESNGNFIAPEYAYKIVKKGDSAIMKSELEYGNCNTKCQTPIGAINSSMPFHNIHPLTIGECPKYVKSNRLVLATGLRNS
PQRESRRKKRGLFGAIAGFIEGGWQGMVDGWYGYHHSNEQGSGYAADKESTQKAIDGVTNKVNSIIDKMNTQFEAVGREF
NNLERRIENLNKKMEDGFLDVWTYNAELLVLMENERTLDFHDSNVKNLYDKVRLQLRDNAKELGNGCFEFYHKCDNECME
SVRNGTYDYPQYSEEARLKREEISGVGYIPEAPRDGQAYVRKDGEWVLLSTFLGSGLNDIFEAQKIEWHEGHHHHHH
;
_entity_poly.pdbx_strand_id   A
#
loop_
_chem_comp.id
_chem_comp.type
_chem_comp.name
_chem_comp.formula
MG non-polymer 'MAGNESIUM ION' 'Mg 2'
NAG D-saccharide, beta linking 2-acetamido-2-deoxy-beta-D-glucopyranose 'C8 H15 N O6'
PEG non-polymer DI(HYDROXYETHYL)ETHER 'C4 H10 O3'
#
# COMPACT_ATOMS: atom_id res chain seq x y z
N ASP A 1 7.71 25.46 -56.26
CA ASP A 1 7.54 25.89 -54.88
C ASP A 1 6.38 25.12 -54.27
N GLN A 2 6.58 24.52 -53.09
CA GLN A 2 5.48 23.81 -52.46
C GLN A 2 5.61 23.81 -50.94
N ILE A 3 4.46 23.92 -50.29
CA ILE A 3 4.38 23.90 -48.84
C ILE A 3 3.61 22.65 -48.44
N CYS A 4 4.02 22.01 -47.33
CA CYS A 4 3.46 20.74 -46.90
C CYS A 4 3.10 20.79 -45.43
N ILE A 5 2.03 20.09 -45.05
CA ILE A 5 1.64 19.92 -43.65
C ILE A 5 2.08 18.53 -43.23
N GLY A 6 2.59 18.42 -41.99
CA GLY A 6 2.99 17.12 -41.49
C GLY A 6 3.23 17.16 -40.00
N TYR A 7 3.77 16.06 -39.49
CA TYR A 7 3.86 15.87 -38.06
C TYR A 7 5.16 15.20 -37.67
N HIS A 8 5.42 15.22 -36.36
CA HIS A 8 6.68 14.78 -35.77
C HIS A 8 6.78 13.25 -35.79
N ALA A 9 7.99 12.75 -36.04
CA ALA A 9 8.32 11.34 -35.92
C ALA A 9 9.72 11.24 -35.33
N ASN A 10 9.99 10.19 -34.56
CA ASN A 10 11.32 10.00 -34.00
C ASN A 10 11.67 8.52 -34.04
N ASN A 11 12.70 8.16 -33.26
CA ASN A 11 13.20 6.79 -33.24
C ASN A 11 12.75 6.05 -31.99
N SER A 12 11.62 6.47 -31.42
CA SER A 12 11.01 5.85 -30.26
C SER A 12 10.50 4.45 -30.59
N THR A 13 10.57 3.57 -29.61
CA THR A 13 9.98 2.25 -29.70
C THR A 13 8.88 2.05 -28.69
N GLU A 14 8.65 3.03 -27.82
CA GLU A 14 7.60 2.95 -26.81
C GLU A 14 6.26 2.61 -27.45
N GLN A 15 5.61 1.59 -26.91
CA GLN A 15 4.33 1.15 -27.43
C GLN A 15 3.22 1.43 -26.42
N VAL A 16 1.99 1.52 -26.92
CA VAL A 16 0.80 1.66 -26.09
C VAL A 16 -0.30 0.78 -26.66
N ASP A 17 -1.40 0.70 -25.93
CA ASP A 17 -2.54 -0.10 -26.33
C ASP A 17 -3.78 0.78 -26.39
N THR A 18 -4.71 0.41 -27.27
CA THR A 18 -6.05 0.98 -27.33
C THR A 18 -7.04 -0.17 -27.43
N ILE A 19 -8.34 0.16 -27.42
CA ILE A 19 -9.34 -0.91 -27.54
C ILE A 19 -9.20 -1.66 -28.85
N MET A 20 -8.87 -0.94 -29.94
CA MET A 20 -8.88 -1.51 -31.29
C MET A 20 -7.51 -2.00 -31.75
N GLU A 21 -6.43 -1.50 -31.18
CA GLU A 21 -5.11 -1.88 -31.64
C GLU A 21 -4.20 -2.07 -30.45
N LYS A 22 -3.37 -3.10 -30.50
CA LYS A 22 -2.39 -3.37 -29.48
C LYS A 22 -1.01 -3.09 -30.05
N ASN A 23 -0.08 -2.69 -29.17
CA ASN A 23 1.32 -2.58 -29.55
C ASN A 23 1.51 -1.51 -30.65
N VAL A 24 0.93 -0.33 -30.46
CA VAL A 24 1.13 0.77 -31.41
C VAL A 24 2.24 1.65 -30.88
N THR A 25 3.12 2.06 -31.77
CA THR A 25 4.33 2.77 -31.38
C THR A 25 4.06 4.25 -31.41
N VAL A 26 4.42 4.95 -30.34
CA VAL A 26 4.17 6.38 -30.26
C VAL A 26 5.49 7.13 -30.08
N THR A 27 5.52 8.36 -30.58
CA THR A 27 6.70 9.22 -30.43
C THR A 27 7.00 9.46 -28.95
N HIS A 28 5.98 9.46 -28.10
CA HIS A 28 6.13 9.78 -26.69
C HIS A 28 5.03 9.05 -25.92
N ALA A 29 5.42 8.45 -24.81
CA ALA A 29 4.51 7.80 -23.89
C ALA A 29 4.84 8.27 -22.50
N GLN A 30 4.07 7.79 -21.54
CA GLN A 30 4.33 8.06 -20.13
C GLN A 30 3.84 6.84 -19.38
N ASP A 31 4.77 6.08 -18.83
CA ASP A 31 4.44 4.96 -17.97
C ASP A 31 4.04 5.52 -16.61
N ILE A 32 2.97 4.97 -16.03
CA ILE A 32 2.42 5.45 -14.77
C ILE A 32 2.40 4.35 -13.69
N LEU A 33 3.09 3.24 -13.93
CA LEU A 33 3.00 2.05 -13.10
C LEU A 33 4.38 1.69 -12.58
N GLU A 34 4.54 1.74 -11.27
CA GLU A 34 5.75 1.30 -10.59
C GLU A 34 5.80 -0.22 -10.60
N LYS A 35 6.94 -0.81 -10.98
CA LYS A 35 7.04 -2.25 -11.05
C LYS A 35 8.16 -2.85 -10.19
N THR A 36 8.98 -2.03 -9.53
CA THR A 36 10.13 -2.51 -8.78
C THR A 36 10.06 -2.09 -7.32
N HIS A 37 10.74 -2.88 -6.48
CA HIS A 37 10.78 -2.64 -5.03
C HIS A 37 12.14 -3.08 -4.50
N ASN A 38 12.59 -2.45 -3.41
CA ASN A 38 13.92 -2.80 -2.92
C ASN A 38 13.96 -4.13 -2.17
N GLY A 39 12.80 -4.74 -1.92
CA GLY A 39 12.79 -6.05 -1.28
C GLY A 39 13.40 -6.05 0.10
N LYS A 40 13.12 -5.01 0.89
CA LYS A 40 13.71 -4.85 2.21
C LYS A 40 12.68 -4.26 3.17
N LEU A 41 12.80 -4.63 4.45
CA LEU A 41 12.04 -3.96 5.49
C LEU A 41 12.84 -2.77 5.99
N CYS A 42 12.25 -1.57 5.92
CA CYS A 42 12.96 -0.32 6.16
C CYS A 42 12.28 0.48 7.24
N ASP A 43 13.03 1.41 7.82
CA ASP A 43 12.41 2.40 8.69
C ASP A 43 11.40 3.19 7.86
N LEU A 44 10.25 3.43 8.46
CA LEU A 44 9.20 4.19 7.78
C LEU A 44 9.29 5.64 8.24
N ASP A 45 9.82 6.49 7.36
CA ASP A 45 9.97 7.91 7.67
C ASP A 45 10.83 8.09 8.93
N GLY A 46 12.00 7.47 8.91
CA GLY A 46 12.86 7.41 10.06
C GLY A 46 12.50 6.34 11.07
N VAL A 47 11.22 6.27 11.43
CA VAL A 47 10.76 5.47 12.58
C VAL A 47 10.91 3.98 12.30
N LYS A 48 11.71 3.31 13.10
CA LYS A 48 12.08 1.91 12.86
C LYS A 48 10.93 0.96 13.22
N PRO A 49 10.70 -0.08 12.41
CA PRO A 49 9.66 -1.05 12.73
C PRO A 49 10.07 -2.01 13.84
N LEU A 50 9.11 -2.37 14.68
CA LEU A 50 9.34 -3.44 15.65
C LEU A 50 9.33 -4.77 14.90
N ILE A 51 10.50 -5.33 14.61
CA ILE A 51 10.58 -6.62 13.93
C ILE A 51 10.72 -7.69 15.00
N LEU A 52 9.56 -8.25 15.39
CA LEU A 52 9.53 -9.35 16.39
C LEU A 52 10.07 -10.54 15.61
N ARG A 53 11.39 -10.71 15.62
CA ARG A 53 11.93 -11.68 14.68
C ARG A 53 11.34 -13.08 14.77
N ASP A 54 11.57 -13.81 15.85
CA ASP A 54 11.00 -15.13 15.99
C ASP A 54 9.86 -15.17 16.99
N CYS A 55 9.64 -14.09 17.71
CA CYS A 55 8.58 -14.03 18.68
C CYS A 55 7.25 -13.78 17.98
N SER A 56 6.18 -14.24 18.60
CA SER A 56 4.84 -13.86 18.20
C SER A 56 4.36 -12.70 19.07
N VAL A 57 3.28 -12.06 18.62
CA VAL A 57 2.73 -10.96 19.40
C VAL A 57 2.37 -11.42 20.80
N ALA A 58 1.81 -12.63 20.92
CA ALA A 58 1.48 -13.17 22.23
C ALA A 58 2.73 -13.38 23.08
N GLY A 59 3.76 -13.98 22.49
CA GLY A 59 5.03 -14.19 23.17
C GLY A 59 5.74 -12.90 23.51
N TRP A 60 5.42 -11.81 22.81
CA TRP A 60 5.95 -10.51 23.19
C TRP A 60 5.18 -9.94 24.37
N LEU A 61 3.86 -10.05 24.34
CA LEU A 61 3.03 -9.31 25.30
C LEU A 61 3.01 -9.98 26.66
N LEU A 62 2.97 -11.30 26.69
CA LEU A 62 3.09 -12.02 27.94
C LEU A 62 4.53 -12.16 28.40
N GLY A 63 5.50 -11.91 27.53
CA GLY A 63 6.88 -12.01 27.96
C GLY A 63 7.42 -13.42 28.09
N ASN A 64 7.23 -14.22 27.06
CA ASN A 64 8.00 -15.44 26.88
C ASN A 64 9.46 -15.16 27.18
N PRO A 65 10.15 -16.04 27.92
CA PRO A 65 11.57 -15.78 28.23
C PRO A 65 12.48 -15.76 27.02
N MET A 66 12.17 -16.53 25.98
CA MET A 66 12.92 -16.45 24.74
C MET A 66 12.69 -15.12 24.02
N CYS A 67 11.77 -14.28 24.49
CA CYS A 67 11.43 -13.00 23.88
C CYS A 67 12.04 -11.84 24.65
N ASP A 68 13.29 -12.00 25.06
CA ASP A 68 14.02 -10.94 25.76
C ASP A 68 14.79 -10.09 24.77
N GLU A 69 14.04 -9.56 23.83
CA GLU A 69 14.47 -8.46 23.00
C GLU A 69 13.45 -7.34 23.12
N PHE A 70 12.33 -7.60 23.79
CA PHE A 70 11.12 -6.79 23.69
C PHE A 70 10.55 -6.51 25.08
N ILE A 71 11.38 -6.59 26.13
CA ILE A 71 10.91 -6.36 27.48
C ILE A 71 10.59 -4.87 27.66
N ASN A 72 11.33 -4.02 26.96
CA ASN A 72 11.08 -2.58 26.92
C ASN A 72 11.39 -2.09 25.52
N VAL A 73 10.37 -1.63 24.82
CA VAL A 73 10.34 -1.62 23.37
C VAL A 73 10.12 -0.17 22.91
N PRO A 74 10.92 0.35 21.98
CA PRO A 74 10.77 1.75 21.58
C PRO A 74 9.61 1.94 20.62
N GLU A 75 9.12 3.18 20.54
CA GLU A 75 8.04 3.50 19.61
C GLU A 75 8.38 3.00 18.21
N TRP A 76 7.43 2.29 17.60
CA TRP A 76 7.63 1.65 16.30
C TRP A 76 6.71 2.30 15.28
N SER A 77 7.12 2.23 14.00
CA SER A 77 6.28 2.69 12.91
C SER A 77 5.26 1.62 12.52
N TYR A 78 5.73 0.41 12.21
CA TYR A 78 4.87 -0.73 11.90
C TYR A 78 5.50 -2.00 12.48
N ILE A 79 4.68 -3.02 12.73
CA ILE A 79 5.16 -4.27 13.31
C ILE A 79 5.25 -5.37 12.25
N VAL A 80 6.25 -6.25 12.41
CA VAL A 80 6.55 -7.30 11.45
C VAL A 80 6.61 -8.64 12.18
N GLU A 81 5.54 -9.44 12.08
CA GLU A 81 5.48 -10.79 12.64
C GLU A 81 5.73 -11.81 11.54
N LYS A 82 6.34 -12.93 11.90
CA LYS A 82 6.54 -14.00 10.91
C LYS A 82 5.22 -14.75 10.68
N ALA A 83 5.30 -15.81 9.87
CA ALA A 83 4.10 -16.59 9.60
C ALA A 83 3.81 -17.56 10.76
N ASN A 84 4.74 -18.46 11.03
CA ASN A 84 4.62 -19.40 12.15
C ASN A 84 5.85 -19.18 13.03
N PRO A 85 5.86 -18.09 13.81
CA PRO A 85 7.03 -17.78 14.63
C PRO A 85 7.19 -18.78 15.77
N ALA A 86 8.44 -19.17 16.03
CA ALA A 86 8.70 -20.25 16.98
C ALA A 86 8.23 -19.88 18.39
N ASN A 87 8.53 -18.67 18.85
CA ASN A 87 8.36 -18.31 20.25
C ASN A 87 6.99 -17.66 20.47
N ASP A 88 5.95 -18.50 20.40
CA ASP A 88 4.58 -18.20 20.82
C ASP A 88 4.36 -18.66 22.25
N LEU A 89 3.11 -18.94 22.63
CA LEU A 89 2.82 -19.45 23.98
C LEU A 89 3.61 -20.73 24.25
N CYS A 90 4.69 -20.61 25.02
CA CYS A 90 5.60 -21.73 25.24
C CYS A 90 5.00 -22.76 26.18
N PHE A 91 4.19 -22.32 27.13
CA PHE A 91 3.34 -23.21 27.90
C PHE A 91 1.99 -23.28 27.21
N PRO A 92 1.55 -24.46 26.78
CA PRO A 92 0.34 -24.57 25.95
C PRO A 92 -0.88 -23.87 26.53
N GLY A 93 -1.82 -23.57 25.67
CA GLY A 93 -2.98 -22.82 26.08
C GLY A 93 -3.51 -22.04 24.90
N ASN A 94 -4.22 -20.97 25.21
CA ASN A 94 -4.84 -20.11 24.21
C ASN A 94 -4.87 -18.69 24.74
N PHE A 95 -4.95 -17.73 23.83
CA PHE A 95 -5.00 -16.31 24.18
C PHE A 95 -6.38 -15.80 23.77
N ASN A 96 -7.19 -15.37 24.74
CA ASN A 96 -8.57 -15.04 24.44
C ASN A 96 -8.67 -13.75 23.66
N ASP A 97 -9.55 -13.73 22.67
CA ASP A 97 -9.78 -12.57 21.79
C ASP A 97 -8.48 -12.07 21.18
N TYR A 98 -7.66 -13.00 20.70
CA TYR A 98 -6.33 -12.64 20.23
C TYR A 98 -6.42 -11.68 19.06
N GLU A 99 -7.29 -11.98 18.10
CA GLU A 99 -7.34 -11.18 16.88
C GLU A 99 -7.84 -9.78 17.17
N GLU A 100 -8.82 -9.64 18.05
CA GLU A 100 -9.30 -8.30 18.36
C GLU A 100 -8.24 -7.50 19.08
N LEU A 101 -7.30 -8.18 19.72
CA LEU A 101 -6.20 -7.44 20.31
C LEU A 101 -5.18 -7.03 19.25
N LYS A 102 -4.81 -7.96 18.37
CA LYS A 102 -3.95 -7.58 17.23
C LYS A 102 -4.56 -6.39 16.50
N HIS A 103 -5.89 -6.39 16.34
CA HIS A 103 -6.56 -5.26 15.72
C HIS A 103 -6.32 -3.98 16.50
N LEU A 104 -6.47 -4.02 17.83
CA LEU A 104 -6.13 -2.85 18.63
C LEU A 104 -4.69 -2.41 18.39
N LEU A 105 -3.79 -3.37 18.20
CA LEU A 105 -2.38 -3.06 18.07
C LEU A 105 -2.10 -2.33 16.78
N SER A 106 -2.85 -2.65 15.73
CA SER A 106 -2.70 -1.95 14.46
C SER A 106 -2.80 -0.42 14.63
N ARG A 107 -3.44 0.07 15.68
CA ARG A 107 -3.62 1.51 15.89
C ARG A 107 -2.86 2.03 17.12
N ILE A 108 -1.67 1.48 17.36
CA ILE A 108 -0.85 1.82 18.52
C ILE A 108 0.61 1.86 18.11
N ASN A 109 1.31 2.93 18.46
CA ASN A 109 2.73 3.01 18.15
C ASN A 109 3.62 2.95 19.37
N HIS A 110 3.10 3.21 20.56
CA HIS A 110 3.94 3.08 21.75
C HIS A 110 3.19 2.54 22.95
N PHE A 111 3.79 1.51 23.54
CA PHE A 111 3.49 1.02 24.87
C PHE A 111 4.59 1.45 25.83
N GLU A 112 4.19 1.82 27.04
CA GLU A 112 5.12 1.95 28.16
C GLU A 112 4.76 0.90 29.20
N LYS A 113 5.64 -0.10 29.38
CA LYS A 113 5.38 -1.15 30.36
C LYS A 113 5.57 -0.62 31.78
N ILE A 114 4.62 -0.87 32.67
CA ILE A 114 4.73 -0.45 34.06
C ILE A 114 4.29 -1.58 34.98
N GLN A 115 4.99 -1.71 36.12
CA GLN A 115 4.60 -2.66 37.15
C GLN A 115 3.38 -2.15 37.90
N ILE A 116 2.34 -2.98 38.02
CA ILE A 116 1.13 -2.61 38.72
C ILE A 116 0.92 -3.43 40.00
N ILE A 117 1.17 -4.73 39.95
CA ILE A 117 1.00 -5.58 41.12
C ILE A 117 2.33 -6.26 41.43
N PRO A 118 3.16 -5.68 42.29
CA PRO A 118 4.57 -6.10 42.34
C PRO A 118 4.69 -7.52 42.85
N LYS A 119 5.74 -8.19 42.39
CA LYS A 119 5.86 -9.61 42.67
C LYS A 119 5.89 -9.88 44.16
N SER A 120 6.61 -9.02 44.90
CA SER A 120 6.76 -9.18 46.34
C SER A 120 5.41 -9.24 47.06
N SER A 121 4.51 -8.31 46.73
CA SER A 121 3.31 -8.02 47.53
C SER A 121 2.43 -9.23 47.82
N TRP A 122 2.73 -10.37 47.21
CA TRP A 122 2.12 -11.64 47.62
C TRP A 122 2.89 -12.15 48.83
N SER A 123 2.27 -12.03 50.01
CA SER A 123 2.94 -12.40 51.26
C SER A 123 2.61 -13.84 51.69
N ASP A 124 1.33 -14.17 51.78
CA ASP A 124 0.86 -15.54 51.56
C ASP A 124 1.12 -15.87 50.09
N HIS A 125 0.80 -17.09 49.64
CA HIS A 125 0.91 -17.39 48.20
C HIS A 125 2.32 -17.33 47.60
N GLU A 126 3.09 -18.42 47.69
CA GLU A 126 4.39 -18.51 47.03
C GLU A 126 4.38 -18.01 45.58
N ALA A 127 5.08 -16.92 45.33
CA ALA A 127 5.07 -16.26 44.02
C ALA A 127 6.46 -16.25 43.41
N SER A 128 7.22 -17.32 43.59
CA SER A 128 8.50 -17.44 42.92
C SER A 128 8.70 -18.86 42.44
N SER A 129 7.67 -19.69 42.54
CA SER A 129 7.77 -21.11 42.30
C SER A 129 6.94 -21.57 41.11
N GLY A 130 6.07 -20.70 40.59
CA GLY A 130 5.40 -21.01 39.34
C GLY A 130 6.37 -20.94 38.18
N VAL A 131 6.78 -22.10 37.69
CA VAL A 131 7.92 -22.20 36.77
C VAL A 131 7.77 -23.52 36.02
N SER A 132 8.12 -23.51 34.73
CA SER A 132 8.00 -24.72 33.92
C SER A 132 9.18 -24.87 32.97
N SER A 133 9.48 -26.12 32.63
CA SER A 133 10.50 -26.44 31.66
C SER A 133 10.02 -26.18 30.24
N ALA A 134 8.70 -26.07 30.06
CA ALA A 134 8.15 -25.65 28.79
C ALA A 134 8.67 -24.28 28.38
N CYS A 135 8.99 -23.43 29.36
CA CYS A 135 9.43 -22.05 29.13
C CYS A 135 10.84 -21.86 29.68
N PRO A 136 11.85 -22.45 29.04
CA PRO A 136 13.19 -22.36 29.61
C PRO A 136 13.83 -21.00 29.38
N TYR A 137 14.45 -20.46 30.44
CA TYR A 137 15.37 -19.35 30.34
C TYR A 137 16.78 -19.85 30.61
N GLN A 138 17.65 -19.68 29.62
CA GLN A 138 19.07 -20.10 29.65
C GLN A 138 19.28 -21.42 30.40
N GLY A 139 18.54 -22.45 29.97
CA GLY A 139 18.74 -23.80 30.42
C GLY A 139 17.79 -24.26 31.49
N SER A 140 17.32 -23.33 32.34
CA SER A 140 16.54 -23.65 33.53
C SER A 140 15.11 -23.14 33.39
N PRO A 141 14.17 -23.80 34.06
CA PRO A 141 12.76 -23.53 33.80
C PRO A 141 12.32 -22.13 34.23
N SER A 142 11.37 -21.57 33.49
CA SER A 142 10.96 -20.17 33.67
C SER A 142 9.48 -20.00 33.32
N PHE A 143 9.07 -18.75 33.08
CA PHE A 143 7.67 -18.44 32.81
C PHE A 143 7.53 -17.03 32.26
N PHE A 144 6.34 -16.75 31.72
CA PHE A 144 5.96 -15.47 31.12
C PHE A 144 6.24 -14.31 32.06
N ARG A 145 7.18 -13.43 31.68
CA ARG A 145 7.77 -12.52 32.65
C ARG A 145 6.78 -11.48 33.18
N ASN A 146 5.75 -11.15 32.43
CA ASN A 146 4.85 -10.06 32.83
C ASN A 146 3.69 -10.58 33.66
N VAL A 147 3.69 -11.86 33.97
CA VAL A 147 2.61 -12.48 34.72
C VAL A 147 3.24 -13.45 35.73
N VAL A 148 2.55 -13.70 36.84
CA VAL A 148 3.13 -14.50 37.93
C VAL A 148 2.21 -15.67 38.24
N TRP A 149 2.79 -16.86 38.30
CA TRP A 149 2.03 -18.09 38.54
C TRP A 149 2.00 -18.37 40.05
N LEU A 150 0.92 -18.00 40.73
CA LEU A 150 0.79 -18.19 42.17
C LEU A 150 0.43 -19.64 42.52
N ILE A 151 1.21 -20.24 43.44
CA ILE A 151 0.92 -21.56 44.01
C ILE A 151 0.91 -21.50 45.54
N LYS A 152 0.43 -22.60 46.14
CA LYS A 152 0.14 -22.64 47.57
C LYS A 152 1.36 -22.38 48.44
N LYS A 153 1.17 -21.63 49.51
CA LYS A 153 2.23 -21.32 50.46
C LYS A 153 1.96 -22.11 51.73
N ASN A 154 2.75 -23.16 51.96
CA ASN A 154 2.67 -23.96 53.18
C ASN A 154 1.34 -24.71 53.26
N ASN A 155 0.98 -25.36 52.16
CA ASN A 155 -0.26 -26.12 52.09
C ASN A 155 -1.47 -25.24 52.41
N THR A 156 -1.51 -24.02 51.88
CA THR A 156 -2.70 -23.19 51.99
C THR A 156 -2.75 -22.14 50.88
N TYR A 157 -3.98 -21.77 50.49
CA TYR A 157 -4.22 -20.78 49.43
C TYR A 157 -5.40 -19.91 49.86
N PRO A 158 -5.14 -18.91 50.70
CA PRO A 158 -6.23 -18.01 51.14
C PRO A 158 -6.80 -17.27 49.95
N THR A 159 -8.13 -17.22 49.86
CA THR A 159 -8.76 -16.55 48.74
C THR A 159 -8.18 -15.14 48.58
N ILE A 160 -7.73 -14.84 47.35
CA ILE A 160 -7.09 -13.59 46.97
C ILE A 160 -8.16 -12.53 46.74
N LYS A 161 -7.89 -11.33 47.24
CA LYS A 161 -8.73 -10.15 46.99
C LYS A 161 -7.76 -8.99 46.75
N ARG A 162 -7.62 -8.61 45.48
CA ARG A 162 -6.68 -7.56 45.09
C ARG A 162 -7.39 -6.55 44.20
N SER A 163 -6.84 -5.34 44.12
CA SER A 163 -7.45 -4.30 43.32
C SER A 163 -6.41 -3.31 42.83
N TYR A 164 -6.48 -2.97 41.54
CA TYR A 164 -5.67 -1.91 40.95
C TYR A 164 -6.60 -0.89 40.32
N ASN A 165 -6.25 0.38 40.47
CA ASN A 165 -7.10 1.50 40.03
C ASN A 165 -6.27 2.39 39.13
N ASN A 166 -6.69 2.52 37.87
CA ASN A 166 -5.83 3.12 36.87
C ASN A 166 -5.62 4.60 37.14
N THR A 167 -4.37 5.00 37.04
CA THR A 167 -3.92 6.39 37.00
C THR A 167 -3.14 6.54 35.70
N ASN A 168 -2.29 7.56 35.62
CA ASN A 168 -1.49 7.95 34.47
C ASN A 168 -2.26 8.76 33.44
N GLN A 169 -3.61 8.76 33.52
CA GLN A 169 -4.49 9.40 32.54
C GLN A 169 -4.53 8.65 31.20
N GLU A 170 -3.62 7.70 30.99
CA GLU A 170 -3.66 6.88 29.78
C GLU A 170 -4.65 5.73 29.93
N ASP A 171 -4.86 5.01 28.82
CA ASP A 171 -5.50 3.71 28.85
C ASP A 171 -4.45 2.64 29.13
N LEU A 172 -4.87 1.59 29.84
CA LEU A 172 -3.95 0.57 30.31
C LEU A 172 -4.37 -0.80 29.83
N LEU A 173 -3.46 -1.52 29.18
CA LEU A 173 -3.69 -2.89 28.76
C LEU A 173 -3.21 -3.82 29.88
N VAL A 174 -4.14 -4.53 30.51
CA VAL A 174 -3.87 -5.50 31.55
C VAL A 174 -4.14 -6.90 31.00
N LEU A 175 -3.35 -7.87 31.47
CA LEU A 175 -3.44 -9.27 31.05
C LEU A 175 -3.45 -10.16 32.28
N TRP A 176 -4.19 -11.27 32.19
CA TRP A 176 -4.13 -12.28 33.25
C TRP A 176 -4.42 -13.64 32.64
N GLY A 177 -4.63 -14.62 33.50
CA GLY A 177 -4.69 -16.00 33.04
C GLY A 177 -5.16 -16.95 34.12
N ILE A 178 -5.60 -18.11 33.67
CA ILE A 178 -6.05 -19.20 34.51
C ILE A 178 -5.33 -20.45 34.05
N HIS A 179 -5.11 -21.38 34.99
CA HIS A 179 -4.45 -22.65 34.72
C HIS A 179 -5.50 -23.76 34.75
N HIS A 180 -5.55 -24.55 33.69
CA HIS A 180 -6.36 -25.76 33.62
C HIS A 180 -5.39 -26.92 33.80
N PRO A 181 -5.38 -27.59 34.95
CA PRO A 181 -4.38 -28.62 35.20
C PRO A 181 -4.81 -29.95 34.61
N ASN A 182 -3.97 -30.95 34.80
CA ASN A 182 -4.17 -32.23 34.16
C ASN A 182 -5.01 -33.20 34.98
N ASP A 183 -5.06 -33.05 36.30
CA ASP A 183 -5.89 -33.93 37.13
C ASP A 183 -5.98 -33.38 38.55
N ALA A 184 -6.91 -33.95 39.32
CA ALA A 184 -7.19 -33.47 40.67
C ALA A 184 -5.97 -33.58 41.57
N ALA A 185 -5.11 -34.58 41.29
CA ALA A 185 -3.82 -34.70 41.97
C ALA A 185 -3.05 -33.39 41.89
N GLU A 186 -2.83 -32.87 40.68
CA GLU A 186 -2.08 -31.63 40.50
C GLU A 186 -2.88 -30.41 40.98
N GLN A 187 -4.20 -30.43 40.81
CA GLN A 187 -5.04 -29.39 41.39
C GLN A 187 -4.71 -29.16 42.86
N THR A 188 -4.80 -30.22 43.69
CA THR A 188 -4.49 -30.04 45.11
C THR A 188 -2.99 -29.94 45.36
N ARG A 189 -2.16 -30.56 44.53
CA ARG A 189 -0.73 -30.45 44.72
C ARG A 189 -0.27 -29.01 44.65
N LEU A 190 -0.92 -28.21 43.79
CA LEU A 190 -0.51 -26.84 43.53
C LEU A 190 -1.32 -25.79 44.30
N TYR A 191 -2.64 -25.94 44.37
CA TYR A 191 -3.48 -24.95 45.04
C TYR A 191 -4.21 -25.51 46.26
N GLN A 192 -4.36 -26.83 46.33
CA GLN A 192 -4.88 -27.60 47.45
C GLN A 192 -6.38 -27.46 47.60
N ASN A 193 -6.94 -26.40 47.09
CA ASN A 193 -8.38 -26.34 47.12
C ASN A 193 -8.90 -27.19 45.96
N PRO A 194 -9.83 -28.11 46.22
CA PRO A 194 -10.24 -29.02 45.14
C PRO A 194 -10.98 -28.33 44.01
N THR A 195 -11.61 -27.18 44.27
CA THR A 195 -12.42 -26.48 43.28
C THR A 195 -12.27 -24.98 43.48
N THR A 196 -11.93 -24.28 42.40
CA THR A 196 -11.51 -22.89 42.49
C THR A 196 -12.18 -22.06 41.40
N TYR A 197 -11.98 -20.75 41.50
CA TYR A 197 -12.58 -19.79 40.59
C TYR A 197 -11.62 -18.62 40.42
N ILE A 198 -11.95 -17.74 39.48
CA ILE A 198 -11.38 -16.40 39.38
C ILE A 198 -12.50 -15.45 38.97
N SER A 199 -12.66 -14.36 39.71
CA SER A 199 -13.66 -13.36 39.39
C SER A 199 -12.94 -12.06 39.05
N VAL A 200 -13.14 -11.61 37.81
CA VAL A 200 -12.55 -10.35 37.34
C VAL A 200 -13.69 -9.37 37.07
N GLY A 201 -13.65 -8.24 37.78
CA GLY A 201 -14.67 -7.23 37.60
C GLY A 201 -14.20 -5.78 37.53
N THR A 202 -14.34 -5.19 36.36
CA THR A 202 -14.27 -3.75 36.21
C THR A 202 -15.68 -3.18 36.16
N SER A 203 -15.78 -1.90 35.77
CA SER A 203 -17.09 -1.31 35.53
C SER A 203 -17.80 -2.01 34.38
N THR A 204 -17.05 -2.48 33.39
CA THR A 204 -17.62 -3.08 32.19
C THR A 204 -17.32 -4.57 32.06
N LEU A 205 -16.66 -5.16 33.06
CA LEU A 205 -16.26 -6.56 33.02
C LEU A 205 -16.85 -7.30 34.22
N ASN A 206 -17.50 -8.44 33.96
CA ASN A 206 -18.03 -9.29 35.03
C ASN A 206 -17.82 -10.76 34.63
N GLN A 207 -16.65 -11.32 34.95
CA GLN A 207 -16.41 -12.71 34.60
C GLN A 207 -16.11 -13.60 35.80
N ARG A 208 -16.45 -14.87 35.62
CA ARG A 208 -16.21 -15.96 36.57
C ARG A 208 -15.58 -17.11 35.78
N LEU A 209 -14.25 -17.22 35.83
CA LEU A 209 -13.57 -18.36 35.24
C LEU A 209 -13.45 -19.50 36.24
N VAL A 210 -13.42 -20.72 35.72
CA VAL A 210 -13.34 -21.93 36.54
C VAL A 210 -12.49 -22.96 35.80
N PRO A 211 -11.43 -23.47 36.41
CA PRO A 211 -10.50 -24.34 35.68
C PRO A 211 -11.19 -25.61 35.21
N LYS A 212 -11.06 -25.88 33.92
CA LYS A 212 -11.52 -27.16 33.39
C LYS A 212 -10.41 -28.16 33.64
N ILE A 213 -10.60 -29.03 34.63
CA ILE A 213 -9.63 -30.07 34.97
C ILE A 213 -9.93 -31.28 34.09
N ALA A 214 -8.98 -31.63 33.22
CA ALA A 214 -9.15 -32.75 32.30
C ALA A 214 -7.79 -33.17 31.79
N THR A 215 -7.69 -34.46 31.44
CA THR A 215 -6.48 -34.99 30.82
C THR A 215 -6.51 -34.68 29.33
N ARG A 216 -5.38 -34.16 28.83
CA ARG A 216 -5.25 -33.67 27.46
C ARG A 216 -3.94 -34.14 26.85
N SER A 217 -3.97 -34.43 25.55
CA SER A 217 -2.74 -34.76 24.81
C SER A 217 -1.71 -33.65 24.98
N LYS A 218 -0.57 -33.99 25.59
CA LYS A 218 0.40 -32.99 25.97
C LYS A 218 1.19 -32.51 24.76
N VAL A 219 1.32 -31.20 24.65
CA VAL A 219 2.15 -30.57 23.64
C VAL A 219 3.19 -29.73 24.37
N ASN A 220 4.38 -29.64 23.79
CA ASN A 220 5.52 -28.93 24.40
C ASN A 220 5.89 -29.50 25.77
N GLY A 221 5.53 -30.76 26.04
CA GLY A 221 5.84 -31.38 27.29
C GLY A 221 4.77 -31.27 28.35
N GLN A 222 3.79 -30.39 28.16
CA GLN A 222 2.79 -30.11 29.19
C GLN A 222 1.43 -30.65 28.77
N SER A 223 0.74 -31.25 29.74
CA SER A 223 -0.65 -31.66 29.57
C SER A 223 -1.64 -30.68 30.15
N GLY A 224 -1.18 -29.78 31.01
CA GLY A 224 -2.00 -28.66 31.42
C GLY A 224 -2.07 -27.57 30.34
N ARG A 225 -2.89 -26.57 30.63
CA ARG A 225 -3.17 -25.50 29.68
C ARG A 225 -3.25 -24.19 30.45
N MET A 226 -2.96 -23.10 29.75
CA MET A 226 -3.00 -21.76 30.33
C MET A 226 -3.84 -20.85 29.45
N GLU A 227 -5.05 -20.51 29.90
CA GLU A 227 -5.93 -19.60 29.18
C GLU A 227 -5.63 -18.17 29.61
N PHE A 228 -5.34 -17.31 28.65
CA PHE A 228 -5.03 -15.93 28.95
C PHE A 228 -6.15 -14.99 28.48
N PHE A 229 -6.36 -13.92 29.23
CA PHE A 229 -7.38 -12.92 28.92
C PHE A 229 -6.74 -11.55 29.01
N TRP A 230 -7.39 -10.57 28.40
CA TRP A 230 -6.86 -9.22 28.39
C TRP A 230 -8.00 -8.23 28.54
N THR A 231 -7.63 -6.99 28.82
CA THR A 231 -8.63 -5.92 28.82
C THR A 231 -7.94 -4.57 28.82
N ILE A 232 -8.67 -3.56 28.31
CA ILE A 232 -8.26 -2.16 28.38
C ILE A 232 -8.97 -1.54 29.57
N LEU A 233 -8.20 -0.91 30.44
CA LEU A 233 -8.65 -0.30 31.67
C LEU A 233 -8.66 1.21 31.47
N LYS A 234 -9.83 1.81 31.67
CA LYS A 234 -10.04 3.24 31.49
C LYS A 234 -9.15 4.03 32.45
N PRO A 235 -8.86 5.30 32.14
CA PRO A 235 -7.88 6.06 32.94
C PRO A 235 -8.21 6.16 34.43
N ASN A 236 -9.44 5.88 34.88
CA ASN A 236 -9.74 6.00 36.30
C ASN A 236 -10.62 4.87 36.79
N ASP A 237 -10.33 3.63 36.37
CA ASP A 237 -11.16 2.50 36.75
C ASP A 237 -10.35 1.46 37.52
N ALA A 238 -11.07 0.57 38.21
CA ALA A 238 -10.49 -0.49 39.03
C ALA A 238 -10.74 -1.85 38.41
N ILE A 239 -9.72 -2.71 38.45
CA ILE A 239 -9.78 -4.01 37.77
C ILE A 239 -10.30 -5.12 38.71
N ASN A 240 -9.89 -5.16 39.98
CA ASN A 240 -10.64 -5.84 41.05
C ASN A 240 -10.71 -7.37 40.87
N PHE A 241 -9.60 -8.04 41.19
CA PHE A 241 -9.48 -9.50 41.16
C PHE A 241 -9.89 -10.18 42.48
N GLU A 242 -10.41 -11.40 42.34
CA GLU A 242 -10.63 -12.30 43.49
C GLU A 242 -10.52 -13.75 43.06
N SER A 243 -9.73 -14.56 43.78
CA SER A 243 -9.66 -15.98 43.41
C SER A 243 -8.95 -16.85 44.45
N ASN A 244 -9.36 -18.12 44.52
CA ASN A 244 -8.83 -19.09 45.48
C ASN A 244 -7.98 -20.19 44.82
N GLY A 245 -7.39 -19.93 43.66
CA GLY A 245 -6.51 -20.90 43.02
C GLY A 245 -6.48 -20.75 41.51
N ASN A 246 -5.43 -21.35 40.91
CA ASN A 246 -5.25 -21.43 39.46
C ASN A 246 -5.10 -20.07 38.80
N PHE A 247 -4.87 -19.04 39.59
CA PHE A 247 -4.82 -17.67 39.10
C PHE A 247 -3.42 -17.33 38.58
N ILE A 248 -3.33 -16.99 37.30
CA ILE A 248 -2.16 -16.34 36.77
C ILE A 248 -2.38 -14.84 36.93
N ALA A 249 -1.44 -14.14 37.57
CA ALA A 249 -1.71 -12.78 38.02
C ALA A 249 -0.88 -11.75 37.29
N PRO A 250 -1.45 -10.59 36.98
CA PRO A 250 -0.69 -9.55 36.30
C PRO A 250 0.38 -8.97 37.21
N GLU A 251 1.62 -8.98 36.74
CA GLU A 251 2.62 -8.14 37.38
C GLU A 251 2.85 -6.84 36.62
N TYR A 252 3.12 -6.91 35.32
CA TYR A 252 3.32 -5.75 34.47
C TYR A 252 2.14 -5.56 33.53
N ALA A 253 1.85 -4.30 33.26
CA ALA A 253 0.79 -3.88 32.35
C ALA A 253 1.38 -2.89 31.34
N TYR A 254 0.62 -2.58 30.30
CA TYR A 254 1.09 -1.66 29.27
C TYR A 254 0.29 -0.37 29.32
N LYS A 255 0.99 0.75 29.28
CA LYS A 255 0.36 2.05 29.02
C LYS A 255 0.32 2.24 27.51
N ILE A 256 -0.87 2.58 27.00
CA ILE A 256 -1.02 2.97 25.61
C ILE A 256 -0.68 4.45 25.54
N VAL A 257 0.56 4.78 25.19
CA VAL A 257 0.97 6.16 25.35
C VAL A 257 0.86 6.97 24.07
N LYS A 258 0.90 6.32 22.90
CA LYS A 258 0.72 7.04 21.64
C LYS A 258 0.01 6.15 20.64
N LYS A 259 -1.15 6.61 20.13
CA LYS A 259 -1.98 5.84 19.18
C LYS A 259 -1.80 6.36 17.75
N GLY A 260 -0.67 5.99 17.12
CA GLY A 260 -0.30 6.56 15.84
C GLY A 260 -0.68 5.81 14.56
N ASP A 261 -1.53 4.77 14.64
CA ASP A 261 -2.15 4.20 13.44
C ASP A 261 -1.18 3.58 12.43
N SER A 262 -0.89 2.30 12.65
CA SER A 262 0.10 1.52 11.90
C SER A 262 -0.52 0.20 11.45
N ALA A 263 0.32 -0.81 11.18
CA ALA A 263 -0.14 -2.12 10.74
C ALA A 263 0.70 -3.23 11.37
N ILE A 264 0.22 -4.47 11.24
CA ILE A 264 1.01 -5.66 11.54
C ILE A 264 1.21 -6.42 10.23
N MET A 265 2.44 -6.39 9.69
CA MET A 265 2.75 -7.08 8.43
C MET A 265 3.26 -8.49 8.69
N LYS A 266 2.84 -9.42 7.84
CA LYS A 266 3.36 -10.78 7.88
C LYS A 266 4.43 -10.89 6.81
N SER A 267 5.68 -11.10 7.24
CA SER A 267 6.81 -11.25 6.35
C SER A 267 7.88 -12.11 7.00
N GLU A 268 8.53 -12.93 6.19
CA GLU A 268 9.69 -13.68 6.64
C GLU A 268 10.97 -12.87 6.59
N LEU A 269 10.90 -11.61 6.15
CA LEU A 269 12.11 -10.82 5.95
C LEU A 269 12.69 -10.35 7.28
N GLU A 270 13.98 -10.02 7.24
CA GLU A 270 14.73 -9.40 8.32
C GLU A 270 14.90 -7.91 8.03
N TYR A 271 15.19 -7.14 9.08
CA TYR A 271 15.42 -5.70 8.91
C TYR A 271 16.50 -5.44 7.86
N GLY A 272 16.35 -4.33 7.13
CA GLY A 272 17.17 -4.08 5.96
C GLY A 272 18.10 -2.89 5.96
N ASN A 273 18.00 -2.05 7.00
CA ASN A 273 18.83 -0.85 7.18
C ASN A 273 18.58 0.18 6.07
N CYS A 274 17.37 0.72 6.08
CA CYS A 274 16.98 1.71 5.10
C CYS A 274 15.87 2.58 5.65
N ASN A 275 15.65 3.68 4.97
CA ASN A 275 14.51 4.55 5.16
C ASN A 275 13.68 4.54 3.88
N THR A 276 12.40 4.84 4.02
CA THR A 276 11.48 4.90 2.89
C THR A 276 10.20 5.52 3.38
N LYS A 277 9.42 6.03 2.43
CA LYS A 277 8.12 6.59 2.76
C LYS A 277 6.98 5.62 2.45
N CYS A 278 7.29 4.43 1.92
CA CYS A 278 6.26 3.47 1.51
C CYS A 278 6.82 2.06 1.71
N GLN A 279 6.13 1.26 2.54
CA GLN A 279 6.58 -0.10 2.82
C GLN A 279 5.47 -1.09 2.47
N THR A 280 5.87 -2.21 1.86
CA THR A 280 5.07 -3.40 1.61
C THR A 280 5.70 -4.63 2.28
N PRO A 281 4.91 -5.67 2.54
CA PRO A 281 5.47 -6.86 3.21
C PRO A 281 6.62 -7.50 2.48
N ILE A 282 6.82 -7.19 1.20
CA ILE A 282 7.86 -7.85 0.43
C ILE A 282 8.96 -6.90 0.00
N GLY A 283 8.83 -5.61 0.29
CA GLY A 283 9.82 -4.62 -0.07
C GLY A 283 9.25 -3.23 0.03
N ALA A 284 10.15 -2.25 -0.08
CA ALA A 284 9.78 -0.84 0.01
C ALA A 284 9.74 -0.23 -1.39
N ILE A 285 9.07 0.93 -1.47
CA ILE A 285 8.80 1.61 -2.72
C ILE A 285 9.35 3.03 -2.66
N ASN A 286 10.13 3.40 -3.67
CA ASN A 286 10.61 4.75 -3.92
C ASN A 286 10.09 5.16 -5.28
N SER A 287 8.98 5.90 -5.34
CA SER A 287 8.40 6.10 -6.66
C SER A 287 7.44 7.28 -6.66
N SER A 288 7.46 8.01 -7.75
CA SER A 288 6.54 9.10 -8.03
C SER A 288 5.34 8.67 -8.85
N MET A 289 5.37 7.47 -9.44
CA MET A 289 4.25 6.90 -10.18
C MET A 289 2.95 7.00 -9.37
N PRO A 290 1.82 7.18 -10.03
CA PRO A 290 0.54 7.13 -9.31
C PRO A 290 0.08 5.72 -8.98
N PHE A 291 0.53 4.70 -9.70
CA PHE A 291 0.12 3.33 -9.44
C PHE A 291 1.35 2.43 -9.22
N HIS A 292 1.15 1.35 -8.48
CA HIS A 292 2.15 0.30 -8.36
C HIS A 292 1.46 -1.04 -8.46
N ASN A 293 2.26 -2.09 -8.66
CA ASN A 293 1.71 -3.44 -8.67
C ASN A 293 2.48 -4.36 -7.73
N ILE A 294 3.11 -3.81 -6.70
CA ILE A 294 4.05 -4.55 -5.87
C ILE A 294 3.31 -5.50 -4.93
N HIS A 295 2.33 -4.99 -4.18
CA HIS A 295 1.63 -5.74 -3.14
C HIS A 295 0.44 -4.93 -2.63
N PRO A 296 -0.67 -5.59 -2.26
CA PRO A 296 -1.87 -4.82 -1.85
C PRO A 296 -1.73 -4.11 -0.52
N LEU A 297 -0.99 -4.68 0.41
CA LEU A 297 -0.82 -4.09 1.73
C LEU A 297 0.32 -3.09 1.66
N THR A 298 0.03 -1.84 1.95
CA THR A 298 1.10 -0.86 2.05
C THR A 298 0.89 -0.02 3.30
N ILE A 299 1.92 0.74 3.63
CA ILE A 299 1.83 1.75 4.67
C ILE A 299 2.70 2.92 4.24
N GLY A 300 2.18 4.13 4.42
CA GLY A 300 2.89 5.37 4.10
C GLY A 300 2.20 6.18 3.00
N GLU A 301 2.97 7.11 2.43
CA GLU A 301 2.52 7.82 1.22
C GLU A 301 2.80 6.91 0.04
N CYS A 302 1.75 6.23 -0.43
CA CYS A 302 1.99 5.18 -1.39
C CYS A 302 1.21 5.40 -2.69
N PRO A 303 1.73 4.90 -3.79
CA PRO A 303 0.92 4.77 -5.02
C PRO A 303 -0.29 3.87 -4.79
N LYS A 304 -1.31 4.08 -5.62
CA LYS A 304 -2.45 3.18 -5.64
C LYS A 304 -2.03 1.84 -6.21
N TYR A 305 -2.46 0.77 -5.57
CA TYR A 305 -2.13 -0.56 -6.03
C TYR A 305 -3.15 -1.00 -7.06
N VAL A 306 -2.65 -1.51 -8.20
CA VAL A 306 -3.48 -2.19 -9.19
C VAL A 306 -2.80 -3.49 -9.59
N LYS A 307 -3.56 -4.38 -10.22
CA LYS A 307 -3.04 -5.68 -10.63
C LYS A 307 -2.51 -5.72 -12.09
N SER A 308 -2.31 -4.58 -12.73
CA SER A 308 -1.85 -4.59 -14.12
C SER A 308 -0.38 -4.99 -14.22
N ASN A 309 0.02 -5.42 -15.42
CA ASN A 309 1.44 -5.65 -15.67
C ASN A 309 2.11 -4.51 -16.41
N ARG A 310 1.38 -3.81 -17.28
CA ARG A 310 1.86 -2.56 -17.86
C ARG A 310 0.70 -1.59 -17.91
N LEU A 311 0.99 -0.33 -17.63
CA LEU A 311 -0.02 0.73 -17.63
C LEU A 311 0.66 1.98 -18.19
N VAL A 312 0.59 2.15 -19.52
CA VAL A 312 1.31 3.18 -20.24
C VAL A 312 0.33 4.09 -20.95
N LEU A 313 0.48 5.40 -20.77
CA LEU A 313 -0.34 6.41 -21.44
C LEU A 313 0.33 6.90 -22.72
N ALA A 314 -0.43 7.00 -23.81
CA ALA A 314 0.06 7.73 -24.97
C ALA A 314 0.10 9.21 -24.65
N THR A 315 1.18 9.89 -25.03
CA THR A 315 1.20 11.34 -25.04
C THR A 315 1.52 11.90 -26.42
N GLY A 316 2.53 11.36 -27.08
CA GLY A 316 2.85 11.73 -28.44
C GLY A 316 1.88 11.14 -29.42
N LEU A 317 2.28 11.09 -30.68
CA LEU A 317 1.39 10.59 -31.71
C LEU A 317 1.99 9.37 -32.37
N ARG A 318 1.13 8.65 -33.09
CA ARG A 318 1.50 7.42 -33.79
C ARG A 318 2.78 7.62 -34.58
N ASN A 319 3.81 6.87 -34.20
CA ASN A 319 5.16 7.07 -34.69
C ASN A 319 5.38 6.25 -35.96
N SER A 320 5.75 6.94 -37.03
CA SER A 320 5.90 6.30 -38.33
C SER A 320 7.17 5.47 -38.37
N PRO A 321 7.13 4.28 -39.01
CA PRO A 321 8.27 3.36 -39.19
C PRO A 321 9.48 3.98 -39.89
N LEU A 332 -8.53 8.19 -38.01
CA LEU A 332 -9.96 8.35 -37.70
C LEU A 332 -10.42 9.59 -38.40
N PHE A 333 -9.71 10.68 -38.14
CA PHE A 333 -9.72 11.80 -39.08
C PHE A 333 -8.73 11.46 -40.18
N GLY A 334 -8.74 12.29 -41.23
CA GLY A 334 -7.97 11.97 -42.44
C GLY A 334 -6.55 12.50 -42.49
N ALA A 335 -5.80 12.53 -41.39
CA ALA A 335 -4.45 12.99 -41.70
C ALA A 335 -3.36 11.97 -41.39
N ILE A 336 -3.12 11.67 -40.11
CA ILE A 336 -1.93 10.91 -39.73
C ILE A 336 -2.05 9.48 -40.24
N ALA A 337 -0.99 8.99 -40.88
CA ALA A 337 -0.98 7.67 -41.53
C ALA A 337 -2.22 7.51 -42.40
N GLY A 338 -2.50 8.56 -43.18
CA GLY A 338 -3.68 8.71 -43.99
C GLY A 338 -3.30 9.30 -45.33
N PHE A 339 -3.91 10.43 -45.71
CA PHE A 339 -3.42 11.13 -46.89
C PHE A 339 -2.04 11.74 -46.65
N ILE A 340 -1.60 11.84 -45.40
CA ILE A 340 -0.22 12.14 -45.06
C ILE A 340 0.41 10.82 -44.63
N GLU A 341 1.25 10.23 -45.48
CA GLU A 341 1.65 8.83 -45.27
C GLU A 341 2.53 8.64 -44.04
N GLY A 342 3.37 9.61 -43.71
CA GLY A 342 4.26 9.38 -42.58
C GLY A 342 4.69 10.68 -41.95
N GLY A 343 5.56 10.54 -40.97
CA GLY A 343 6.00 11.67 -40.17
C GLY A 343 7.36 12.16 -40.62
N TRP A 344 7.75 13.28 -40.04
CA TRP A 344 8.97 13.97 -40.42
C TRP A 344 9.99 13.79 -39.31
N GLN A 345 10.92 12.85 -39.50
CA GLN A 345 12.08 12.78 -38.62
C GLN A 345 12.77 14.13 -38.48
N GLY A 346 12.70 14.95 -39.54
CA GLY A 346 13.35 16.23 -39.64
C GLY A 346 12.71 17.38 -38.91
N MET A 347 11.53 17.18 -38.32
CA MET A 347 10.89 18.22 -37.54
C MET A 347 11.03 17.87 -36.06
N VAL A 348 11.86 18.61 -35.35
CA VAL A 348 12.15 18.32 -33.96
C VAL A 348 11.54 19.34 -33.00
N ASP A 349 11.34 20.58 -33.45
CA ASP A 349 10.94 21.66 -32.55
C ASP A 349 9.42 21.72 -32.31
N GLY A 350 8.67 20.71 -32.73
CA GLY A 350 7.24 20.73 -32.46
C GLY A 350 6.62 19.41 -32.88
N TRP A 351 5.31 19.32 -32.63
CA TRP A 351 4.57 18.10 -32.96
C TRP A 351 3.96 18.16 -34.35
N TYR A 352 3.36 19.28 -34.72
CA TYR A 352 2.82 19.50 -36.05
C TYR A 352 3.54 20.68 -36.69
N GLY A 353 3.63 20.68 -38.00
CA GLY A 353 4.21 21.83 -38.67
C GLY A 353 4.23 21.69 -40.16
N TYR A 354 5.08 22.54 -40.77
CA TYR A 354 5.17 22.72 -42.23
C TYR A 354 6.55 22.34 -42.70
N HIS A 355 6.63 21.98 -43.98
CA HIS A 355 7.88 21.86 -44.72
C HIS A 355 7.73 22.61 -46.02
N HIS A 356 8.73 23.43 -46.38
CA HIS A 356 8.66 24.25 -47.58
C HIS A 356 9.84 23.98 -48.51
N SER A 357 9.58 24.13 -49.82
CA SER A 357 10.57 24.07 -50.90
C SER A 357 10.37 25.24 -51.83
N ASN A 358 11.44 25.99 -52.10
CA ASN A 358 11.38 27.04 -53.12
C ASN A 358 12.79 27.32 -53.65
N GLU A 359 12.94 28.44 -54.36
CA GLU A 359 14.21 28.77 -55.03
C GLU A 359 15.33 28.98 -54.03
N GLN A 360 15.03 29.60 -52.88
CA GLN A 360 16.04 29.83 -51.85
C GLN A 360 16.17 28.64 -50.90
N GLY A 361 15.09 28.29 -50.21
CA GLY A 361 15.15 27.43 -49.05
C GLY A 361 14.46 26.08 -49.18
N SER A 362 14.68 25.26 -48.16
CA SER A 362 14.04 23.96 -48.03
C SER A 362 14.15 23.59 -46.56
N GLY A 363 13.01 23.46 -45.88
CA GLY A 363 13.11 23.02 -44.50
C GLY A 363 11.80 22.93 -43.75
N TYR A 364 11.93 22.79 -42.43
CA TYR A 364 10.83 22.50 -41.52
C TYR A 364 10.59 23.66 -40.58
N ALA A 365 9.34 23.95 -40.32
CA ALA A 365 8.97 24.95 -39.32
C ALA A 365 7.79 24.40 -38.52
N ALA A 366 8.00 24.13 -37.24
CA ALA A 366 6.90 23.63 -36.44
C ALA A 366 5.89 24.74 -36.17
N ASP A 367 4.61 24.45 -36.42
CA ASP A 367 3.53 25.35 -36.05
C ASP A 367 3.38 25.29 -34.53
N LYS A 368 4.17 26.10 -33.84
CA LYS A 368 3.98 26.22 -32.40
C LYS A 368 2.65 26.91 -32.13
N GLU A 369 2.22 26.81 -30.88
CA GLU A 369 0.93 27.29 -30.40
C GLU A 369 -0.22 26.39 -30.88
N SER A 370 0.03 25.58 -31.90
CA SER A 370 -0.81 24.43 -32.17
C SER A 370 -0.23 23.22 -31.44
N THR A 371 1.08 23.03 -31.61
CA THR A 371 1.84 22.14 -30.75
C THR A 371 1.57 22.46 -29.28
N GLN A 372 1.55 23.75 -28.93
CA GLN A 372 1.42 24.11 -27.53
C GLN A 372 0.01 23.82 -27.01
N LYS A 373 -1.02 24.07 -27.82
CA LYS A 373 -2.37 23.69 -27.39
C LYS A 373 -2.45 22.18 -27.18
N ALA A 374 -1.75 21.41 -28.03
CA ALA A 374 -1.76 19.96 -27.88
C ALA A 374 -1.10 19.54 -26.57
N ILE A 375 0.06 20.11 -26.24
CA ILE A 375 0.74 19.63 -25.04
C ILE A 375 -0.01 20.10 -23.80
N ASP A 376 -0.73 21.23 -23.85
CA ASP A 376 -1.56 21.56 -22.69
C ASP A 376 -2.70 20.56 -22.52
N GLY A 377 -3.35 20.17 -23.62
CA GLY A 377 -4.45 19.22 -23.51
C GLY A 377 -4.00 17.86 -23.02
N VAL A 378 -2.85 17.39 -23.52
CA VAL A 378 -2.33 16.09 -23.09
C VAL A 378 -1.90 16.13 -21.62
N THR A 379 -1.24 17.20 -21.20
CA THR A 379 -0.83 17.32 -19.82
C THR A 379 -2.03 17.34 -18.87
N ASN A 380 -3.07 18.10 -19.21
CA ASN A 380 -4.29 18.10 -18.41
C ASN A 380 -4.89 16.69 -18.34
N LYS A 381 -5.02 16.03 -19.49
CA LYS A 381 -5.49 14.65 -19.54
C LYS A 381 -4.77 13.79 -18.52
N VAL A 382 -3.45 13.87 -18.52
CA VAL A 382 -2.66 12.97 -17.68
C VAL A 382 -2.89 13.30 -16.20
N ASN A 383 -2.79 14.58 -15.85
CA ASN A 383 -3.03 14.94 -14.45
C ASN A 383 -4.42 14.50 -14.01
N SER A 384 -5.41 14.64 -14.88
CA SER A 384 -6.75 14.23 -14.53
C SER A 384 -6.83 12.73 -14.32
N ILE A 385 -6.01 11.96 -15.04
CA ILE A 385 -5.98 10.52 -14.80
C ILE A 385 -5.30 10.20 -13.47
N ILE A 386 -4.11 10.76 -13.26
CA ILE A 386 -3.35 10.60 -12.01
C ILE A 386 -4.22 10.91 -10.80
N ASP A 387 -5.13 11.88 -10.92
CA ASP A 387 -5.83 12.35 -9.73
C ASP A 387 -7.26 11.80 -9.61
N LYS A 388 -7.98 11.58 -10.71
CA LYS A 388 -9.36 11.10 -10.63
C LYS A 388 -9.43 9.80 -9.85
N MET A 389 -8.32 9.07 -9.76
CA MET A 389 -8.24 7.86 -8.94
C MET A 389 -7.45 8.10 -7.66
N ASN A 390 -7.47 9.36 -7.16
CA ASN A 390 -6.87 9.72 -5.88
C ASN A 390 -7.34 8.80 -4.78
N THR A 391 -8.57 8.33 -4.89
CA THR A 391 -9.29 7.67 -3.82
C THR A 391 -9.60 6.24 -4.26
N GLN A 392 -8.66 5.33 -4.05
CA GLN A 392 -8.93 3.93 -4.30
C GLN A 392 -8.96 3.18 -2.98
N PHE A 393 -9.51 1.97 -3.06
CA PHE A 393 -9.56 1.06 -1.93
C PHE A 393 -8.15 0.77 -1.42
N GLU A 394 -7.96 0.97 -0.12
CA GLU A 394 -6.71 0.59 0.55
C GLU A 394 -6.94 -0.69 1.37
N ALA A 395 -6.24 -1.75 1.02
CA ALA A 395 -6.40 -3.00 1.74
C ALA A 395 -5.74 -2.91 3.11
N VAL A 396 -6.35 -3.56 4.10
CA VAL A 396 -5.73 -3.70 5.41
C VAL A 396 -5.70 -5.17 5.77
N GLY A 397 -4.73 -5.52 6.61
CA GLY A 397 -4.61 -6.87 7.10
C GLY A 397 -5.57 -7.15 8.24
N ARG A 398 -6.39 -8.17 8.07
CA ARG A 398 -7.28 -8.58 9.14
C ARG A 398 -7.12 -10.07 9.35
N GLU A 399 -7.06 -10.46 10.61
CA GLU A 399 -6.79 -11.83 10.99
C GLU A 399 -8.02 -12.45 11.62
N PHE A 400 -8.19 -13.75 11.40
CA PHE A 400 -9.34 -14.53 11.86
C PHE A 400 -8.88 -15.92 12.30
N ASN A 401 -9.59 -16.49 13.29
CA ASN A 401 -9.21 -17.81 13.79
C ASN A 401 -9.94 -18.89 12.98
N ASN A 402 -9.87 -20.15 13.45
CA ASN A 402 -10.28 -21.32 12.65
C ASN A 402 -11.78 -21.53 12.61
N LEU A 403 -12.56 -20.76 13.39
CA LEU A 403 -14.02 -20.80 13.33
C LEU A 403 -14.60 -19.46 12.88
N GLU A 404 -13.78 -18.65 12.22
CA GLU A 404 -14.24 -17.44 11.57
C GLU A 404 -14.00 -17.52 10.06
N ARG A 405 -14.02 -18.75 9.53
CA ARG A 405 -13.69 -18.97 8.12
C ARG A 405 -14.65 -18.25 7.20
N ARG A 406 -15.94 -18.21 7.55
CA ARG A 406 -16.88 -17.47 6.72
C ARG A 406 -16.49 -16.00 6.63
N ILE A 407 -16.32 -15.35 7.78
CA ILE A 407 -15.92 -13.94 7.81
C ILE A 407 -14.62 -13.74 7.04
N GLU A 408 -13.63 -14.61 7.27
CA GLU A 408 -12.34 -14.44 6.60
C GLU A 408 -12.50 -14.53 5.11
N ASN A 409 -13.34 -15.44 4.64
CA ASN A 409 -13.59 -15.59 3.21
C ASN A 409 -14.31 -14.37 2.67
N LEU A 410 -15.28 -13.86 3.43
CA LEU A 410 -16.00 -12.67 3.02
C LEU A 410 -15.04 -11.48 2.90
N ASN A 411 -14.18 -11.32 3.90
CA ASN A 411 -13.15 -10.30 3.89
C ASN A 411 -12.20 -10.47 2.71
N LYS A 412 -11.91 -11.72 2.34
CA LYS A 412 -11.06 -11.97 1.19
C LYS A 412 -11.74 -11.54 -0.10
N LYS A 413 -12.93 -12.11 -0.38
CA LYS A 413 -13.73 -11.75 -1.55
C LYS A 413 -13.92 -10.25 -1.66
N MET A 414 -14.05 -9.56 -0.53
CA MET A 414 -14.29 -8.12 -0.54
C MET A 414 -13.02 -7.36 -0.94
N GLU A 415 -11.93 -7.57 -0.18
CA GLU A 415 -10.63 -7.00 -0.52
C GLU A 415 -10.31 -7.19 -2.01
N ASP A 416 -10.54 -8.40 -2.50
CA ASP A 416 -10.17 -8.76 -3.86
C ASP A 416 -11.12 -8.14 -4.88
N GLY A 417 -12.42 -8.08 -4.57
CA GLY A 417 -13.35 -7.48 -5.50
C GLY A 417 -13.02 -6.03 -5.76
N PHE A 418 -12.64 -5.30 -4.71
CA PHE A 418 -12.27 -3.91 -4.93
C PHE A 418 -10.98 -3.78 -5.73
N LEU A 419 -10.02 -4.66 -5.44
CA LEU A 419 -8.72 -4.65 -6.15
C LEU A 419 -8.96 -4.89 -7.65
N ASP A 420 -9.89 -5.79 -7.98
CA ASP A 420 -10.24 -6.11 -9.36
C ASP A 420 -10.98 -4.95 -10.05
N VAL A 421 -11.87 -4.31 -9.30
CA VAL A 421 -12.65 -3.21 -9.87
C VAL A 421 -11.75 -2.03 -10.19
N TRP A 422 -10.84 -1.68 -9.28
CA TRP A 422 -9.97 -0.55 -9.55
C TRP A 422 -8.96 -0.87 -10.64
N THR A 423 -8.55 -2.14 -10.76
CA THR A 423 -7.66 -2.49 -11.85
C THR A 423 -8.35 -2.38 -13.20
N TYR A 424 -9.57 -2.88 -13.29
CA TYR A 424 -10.36 -2.68 -14.50
C TYR A 424 -10.48 -1.19 -14.81
N ASN A 425 -10.87 -0.39 -13.82
CA ASN A 425 -11.04 1.04 -14.06
C ASN A 425 -9.80 1.66 -14.66
N ALA A 426 -8.64 1.46 -14.01
CA ALA A 426 -7.40 2.05 -14.51
C ALA A 426 -7.08 1.57 -15.91
N GLU A 427 -7.14 0.25 -16.14
CA GLU A 427 -6.78 -0.30 -17.44
C GLU A 427 -7.67 0.28 -18.55
N LEU A 428 -8.98 0.32 -18.32
CA LEU A 428 -9.90 0.72 -19.37
C LEU A 428 -9.87 2.22 -19.58
N LEU A 429 -9.63 2.98 -18.52
CA LEU A 429 -9.42 4.41 -18.68
C LEU A 429 -8.22 4.67 -19.59
N VAL A 430 -7.12 3.94 -19.37
CA VAL A 430 -5.92 4.19 -20.16
C VAL A 430 -6.14 3.75 -21.62
N LEU A 431 -6.87 2.65 -21.83
CA LEU A 431 -7.18 2.24 -23.19
C LEU A 431 -7.99 3.31 -23.91
N MET A 432 -9.12 3.72 -23.31
CA MET A 432 -9.98 4.70 -23.96
C MET A 432 -9.24 6.01 -24.19
N GLU A 433 -8.42 6.44 -23.23
CA GLU A 433 -7.80 7.74 -23.45
C GLU A 433 -6.62 7.66 -24.42
N ASN A 434 -5.92 6.53 -24.52
CA ASN A 434 -4.93 6.39 -25.58
C ASN A 434 -5.59 6.52 -26.96
N GLU A 435 -6.75 5.89 -27.15
CA GLU A 435 -7.41 6.03 -28.45
C GLU A 435 -7.84 7.48 -28.69
N ARG A 436 -8.42 8.13 -27.67
CA ARG A 436 -8.81 9.51 -27.88
C ARG A 436 -7.59 10.40 -28.15
N THR A 437 -6.46 10.11 -27.51
CA THR A 437 -5.29 10.97 -27.66
C THR A 437 -4.71 10.88 -29.08
N LEU A 438 -4.66 9.67 -29.63
CA LEU A 438 -4.18 9.54 -31.00
C LEU A 438 -5.14 10.22 -31.99
N ASP A 439 -6.45 10.08 -31.78
CA ASP A 439 -7.39 10.80 -32.64
C ASP A 439 -7.26 12.31 -32.48
N PHE A 440 -6.93 12.78 -31.28
CA PHE A 440 -6.71 14.20 -31.04
C PHE A 440 -5.53 14.72 -31.87
N HIS A 441 -4.47 13.93 -32.00
CA HIS A 441 -3.37 14.33 -32.87
C HIS A 441 -3.80 14.32 -34.34
N ASP A 442 -4.52 13.26 -34.75
CA ASP A 442 -5.08 13.20 -36.10
C ASP A 442 -5.88 14.47 -36.41
N SER A 443 -6.72 14.90 -35.47
CA SER A 443 -7.57 16.06 -35.72
C SER A 443 -6.75 17.34 -35.75
N ASN A 444 -5.71 17.46 -34.92
CA ASN A 444 -4.93 18.68 -34.99
C ASN A 444 -4.22 18.81 -36.33
N VAL A 445 -3.71 17.69 -36.88
CA VAL A 445 -3.06 17.76 -38.18
C VAL A 445 -4.07 18.10 -39.28
N LYS A 446 -5.23 17.43 -39.26
CA LYS A 446 -6.22 17.75 -40.29
C LYS A 446 -6.67 19.22 -40.22
N ASN A 447 -6.86 19.76 -39.01
CA ASN A 447 -7.29 21.16 -38.91
C ASN A 447 -6.21 22.10 -39.47
N LEU A 448 -4.93 21.80 -39.24
CA LEU A 448 -3.88 22.64 -39.83
C LEU A 448 -3.92 22.59 -41.35
N TYR A 449 -4.07 21.39 -41.91
CA TYR A 449 -4.14 21.28 -43.36
C TYR A 449 -5.35 22.02 -43.92
N ASP A 450 -6.50 21.92 -43.25
CA ASP A 450 -7.68 22.66 -43.66
C ASP A 450 -7.58 24.15 -43.37
N LYS A 451 -6.56 24.58 -42.60
CA LYS A 451 -6.31 26.00 -42.46
C LYS A 451 -5.44 26.52 -43.59
N VAL A 452 -4.45 25.72 -44.03
CA VAL A 452 -3.60 26.14 -45.13
C VAL A 452 -4.38 26.14 -46.44
N ARG A 453 -4.91 24.99 -46.83
CA ARG A 453 -6.02 25.03 -47.78
C ARG A 453 -7.08 25.94 -47.18
N LEU A 454 -7.77 26.69 -48.04
CA LEU A 454 -8.59 27.88 -47.72
C LEU A 454 -7.82 29.20 -47.60
N GLN A 455 -6.50 29.18 -47.52
CA GLN A 455 -5.75 30.42 -47.75
C GLN A 455 -5.38 30.44 -49.22
N LEU A 456 -4.49 29.54 -49.60
CA LEU A 456 -4.41 29.16 -51.00
C LEU A 456 -5.73 28.53 -51.37
N ARG A 457 -6.33 28.96 -52.47
CA ARG A 457 -7.44 28.18 -53.01
C ARG A 457 -7.13 27.67 -54.40
N ASP A 458 -7.06 28.54 -55.38
CA ASP A 458 -6.67 28.17 -56.73
C ASP A 458 -5.23 28.58 -57.01
N ASN A 459 -4.63 29.34 -56.09
CA ASN A 459 -3.23 29.73 -56.20
C ASN A 459 -2.28 28.52 -56.10
N ALA A 460 -2.76 27.37 -55.61
CA ALA A 460 -1.93 26.17 -55.58
C ALA A 460 -2.77 24.94 -55.89
N LYS A 461 -2.11 23.94 -56.45
CA LYS A 461 -2.70 22.63 -56.70
C LYS A 461 -2.60 21.77 -55.45
N GLU A 462 -3.75 21.29 -54.97
CA GLU A 462 -3.80 20.41 -53.80
C GLU A 462 -3.35 19.01 -54.20
N LEU A 463 -2.15 18.63 -53.75
CA LEU A 463 -1.49 17.46 -54.33
C LEU A 463 -2.16 16.16 -53.92
N GLY A 464 -2.66 16.09 -52.68
CA GLY A 464 -3.23 14.88 -52.13
C GLY A 464 -2.44 14.23 -51.01
N ASN A 465 -1.18 14.61 -50.80
CA ASN A 465 -0.33 13.96 -49.80
C ASN A 465 0.05 14.89 -48.67
N GLY A 466 -0.80 15.86 -48.37
CA GLY A 466 -0.49 16.90 -47.41
C GLY A 466 0.25 18.08 -48.00
N CYS A 467 0.57 18.05 -49.30
CA CYS A 467 1.36 19.09 -49.92
C CYS A 467 0.54 19.92 -50.88
N PHE A 468 0.93 21.18 -51.04
CA PHE A 468 0.36 22.13 -51.98
C PHE A 468 1.45 22.61 -52.92
N GLU A 469 1.28 22.33 -54.21
CA GLU A 469 2.21 22.80 -55.24
C GLU A 469 1.78 24.19 -55.71
N PHE A 470 2.65 25.18 -55.51
CA PHE A 470 2.29 26.55 -55.84
C PHE A 470 2.29 26.78 -57.35
N TYR A 471 1.24 27.45 -57.83
CA TYR A 471 1.19 27.90 -59.22
C TYR A 471 2.08 29.13 -59.41
N HIS A 472 1.96 30.10 -58.50
CA HIS A 472 2.89 31.22 -58.46
C HIS A 472 4.09 30.86 -57.60
N LYS A 473 5.16 31.63 -57.75
CA LYS A 473 6.36 31.37 -56.98
C LYS A 473 6.26 32.06 -55.61
N CYS A 474 6.87 31.43 -54.60
CA CYS A 474 6.62 31.78 -53.20
C CYS A 474 7.92 31.74 -52.40
N ASP A 475 8.42 32.92 -52.04
CA ASP A 475 9.68 33.12 -51.33
C ASP A 475 9.50 32.78 -49.85
N ASN A 476 10.62 32.77 -49.10
CA ASN A 476 10.56 32.42 -47.68
C ASN A 476 9.61 33.34 -46.92
N GLU A 477 9.44 34.58 -47.37
CA GLU A 477 8.51 35.51 -46.73
C GLU A 477 7.06 35.24 -47.11
N CYS A 478 6.83 34.76 -48.32
CA CYS A 478 5.50 34.31 -48.72
C CYS A 478 5.11 33.02 -47.98
N MET A 479 6.06 32.07 -47.93
CA MET A 479 5.94 30.89 -47.07
C MET A 479 5.55 31.29 -45.66
N GLU A 480 6.32 32.19 -45.05
CA GLU A 480 6.07 32.55 -43.67
C GLU A 480 4.75 33.30 -43.51
N SER A 481 4.29 33.96 -44.58
CA SER A 481 2.95 34.54 -44.53
C SER A 481 1.88 33.47 -44.46
N VAL A 482 2.10 32.32 -45.12
CA VAL A 482 1.14 31.22 -45.03
C VAL A 482 1.19 30.57 -43.64
N ARG A 483 2.40 30.29 -43.14
CA ARG A 483 2.54 29.79 -41.77
C ARG A 483 1.89 30.75 -40.78
N ASN A 484 2.04 32.06 -41.03
CA ASN A 484 1.47 33.06 -40.14
C ASN A 484 -0.05 33.00 -40.14
N GLY A 485 -0.64 32.67 -41.27
CA GLY A 485 -2.07 32.84 -41.45
C GLY A 485 -2.46 34.15 -42.08
N THR A 486 -1.50 34.92 -42.57
CA THR A 486 -1.73 36.22 -43.20
C THR A 486 -1.19 36.10 -44.62
N TYR A 487 -2.00 35.53 -45.51
CA TYR A 487 -1.59 35.26 -46.87
C TYR A 487 -2.47 36.09 -47.79
N ASP A 488 -1.84 36.94 -48.60
CA ASP A 488 -2.54 37.83 -49.54
C ASP A 488 -2.77 37.09 -50.84
N TYR A 489 -3.99 36.53 -50.97
CA TYR A 489 -4.41 35.89 -52.21
C TYR A 489 -4.38 36.81 -53.44
N PRO A 490 -4.84 38.07 -53.38
CA PRO A 490 -4.89 38.87 -54.62
C PRO A 490 -3.53 39.21 -55.21
N GLN A 491 -2.47 39.28 -54.41
CA GLN A 491 -1.16 39.66 -54.93
C GLN A 491 -0.63 38.64 -55.92
N TYR A 492 -1.10 37.39 -55.82
CA TYR A 492 -0.68 36.31 -56.69
C TYR A 492 -1.82 35.76 -57.54
N SER A 493 -3.05 36.27 -57.37
CA SER A 493 -4.16 35.95 -58.26
C SER A 493 -3.70 35.89 -59.70
N GLU A 494 -3.13 37.01 -60.15
CA GLU A 494 -2.76 37.22 -61.53
C GLU A 494 -1.74 36.18 -62.00
N GLU A 495 -0.61 36.12 -61.29
CA GLU A 495 0.49 35.25 -61.72
C GLU A 495 0.04 33.79 -61.77
N ALA A 496 -0.69 33.34 -60.75
CA ALA A 496 -1.15 31.96 -60.73
C ALA A 496 -2.13 31.69 -61.87
N ARG A 497 -3.17 32.53 -61.98
CA ARG A 497 -4.11 32.45 -63.09
C ARG A 497 -3.38 32.21 -64.40
N LEU A 498 -2.39 33.05 -64.71
CA LEU A 498 -1.59 32.87 -65.93
C LEU A 498 -0.94 31.48 -65.99
N LYS A 499 -0.29 31.07 -64.89
CA LYS A 499 0.43 29.78 -64.87
C LYS A 499 -0.50 28.58 -65.01
N ARG A 500 -1.79 28.76 -64.75
CA ARG A 500 -2.77 27.77 -65.16
C ARG A 500 -2.81 27.72 -66.69
N GLU A 501 -2.22 26.68 -67.26
CA GLU A 501 -2.02 26.56 -68.70
C GLU A 501 -1.35 27.82 -69.25
C1 NAG B . 3.10 37.54 -40.39
C2 NAG B . 3.82 38.35 -39.35
C3 NAG B . 4.25 39.62 -40.00
C4 NAG B . 5.17 39.39 -41.16
C5 NAG B . 4.91 38.08 -41.95
C6 NAG B . 6.24 37.70 -42.57
C7 NAG B . 3.41 38.49 -36.76
C8 NAG B . 2.48 38.79 -35.56
N2 NAG B . 2.94 38.63 -38.16
O3 NAG B . 4.86 40.51 -39.01
O4 NAG B . 4.79 40.45 -42.03
O5 NAG B . 4.19 36.96 -41.26
O6 NAG B . 6.40 36.31 -42.58
O7 NAG B . 4.52 38.15 -36.54
C1 NAG B . 5.63 41.54 -42.57
C2 NAG B . 7.08 41.81 -42.09
C3 NAG B . 7.56 43.04 -42.79
C4 NAG B . 7.45 43.00 -44.30
C5 NAG B . 6.04 42.53 -44.74
C6 NAG B . 5.91 42.27 -46.20
C7 NAG B . 7.83 41.33 -39.64
C8 NAG B . 7.92 41.79 -38.17
N2 NAG B . 7.19 42.19 -40.64
O3 NAG B . 8.91 43.38 -42.39
O4 NAG B . 7.73 44.31 -44.84
O5 NAG B . 5.73 41.27 -44.05
O6 NAG B . 5.31 41.01 -46.34
O7 NAG B . 8.27 40.27 -39.94
C1 NAG C . -9.85 5.23 41.96
C2 NAG C . -9.09 6.53 41.84
C3 NAG C . -9.89 7.63 42.42
C4 NAG C . -11.33 7.65 41.94
C5 NAG C . -11.90 6.21 41.94
C6 NAG C . -13.35 6.10 41.52
C7 NAG C . -6.58 5.87 42.06
C8 NAG C . -5.34 5.73 42.97
N2 NAG C . -7.84 6.37 42.65
O3 NAG C . -9.17 8.86 42.11
O4 NAG C . -12.10 8.46 42.85
O5 NAG C . -11.10 5.25 41.16
O6 NAG C . -13.72 4.76 41.79
O7 NAG C . -6.52 5.55 40.90
C1 NAG C . -11.85 9.88 42.78
C2 NAG C . -13.10 10.63 43.25
C3 NAG C . -12.93 12.10 43.30
C4 NAG C . -11.65 12.59 43.94
C5 NAG C . -10.39 11.77 43.58
C6 NAG C . -9.31 12.09 44.60
C7 NAG C . -15.30 9.43 42.85
C8 NAG C . -16.48 9.01 41.96
N2 NAG C . -14.22 10.26 42.33
O3 NAG C . -14.04 12.64 44.09
O4 NAG C . -11.43 13.96 43.58
O5 NAG C . -10.63 10.31 43.56
O6 NAG C . -8.16 11.30 44.41
O7 NAG C . -15.26 9.07 43.98
C1 NAG D . 3.59 -7.13 -28.82
C2 NAG D . 4.26 -7.21 -27.45
C3 NAG D . 4.41 -8.65 -27.13
C4 NAG D . 3.09 -9.38 -27.00
C5 NAG D . 2.19 -9.18 -28.21
C6 NAG D . 0.88 -8.51 -27.91
C7 NAG D . 6.89 -6.77 -26.98
C8 NAG D . 8.16 -6.06 -27.50
N2 NAG D . 5.62 -6.62 -27.72
O3 NAG D . 5.16 -8.82 -25.90
O4 NAG D . 3.36 -10.79 -26.88
O5 NAG D . 2.83 -8.38 -29.25
O6 NAG D . 0.21 -8.33 -29.13
O7 NAG D . 6.95 -7.43 -25.98
C1 NAG E . 3.28 -24.09 57.98
C2 NAG E . 3.00 -25.55 58.37
C3 NAG E . 3.48 -25.69 59.78
C4 NAG E . 4.92 -25.28 59.98
C5 NAG E . 5.32 -23.95 59.29
C6 NAG E . 6.80 -23.76 59.10
C7 NAG E . 1.02 -27.08 57.59
C8 NAG E . -0.49 -27.36 57.54
N2 NAG E . 1.53 -25.89 58.29
O3 NAG E . 3.26 -27.07 60.22
O4 NAG E . 5.16 -25.15 61.38
O5 NAG E . 4.76 -23.85 57.95
O6 NAG E . 6.99 -22.58 58.35
O7 NAG E . 1.77 -27.84 57.05
C1 NAG F . 14.52 7.74 -3.74
C2 NAG F . 15.77 8.16 -4.51
C3 NAG F . 16.40 9.29 -3.73
C4 NAG F . 15.50 10.08 -2.76
C5 NAG F . 13.98 9.82 -2.76
C6 NAG F . 13.20 11.11 -2.85
C7 NAG F . 17.32 6.66 -6.00
C8 NAG F . 18.29 5.48 -6.16
N2 NAG F . 16.72 7.00 -4.69
O3 NAG F . 17.00 10.25 -4.64
O4 NAG F . 15.98 9.89 -1.42
O5 NAG F . 13.56 8.89 -3.81
O6 NAG F . 12.21 11.09 -1.85
O7 NAG F . 17.05 7.31 -6.97
C1 PEG G . -3.40 -0.75 -20.31
O1 PEG G . -4.53 -1.59 -20.44
C2 PEG G . -2.15 -1.33 -21.00
O2 PEG G . -1.05 -0.48 -20.84
C3 PEG G . -0.53 -0.01 -22.05
C4 PEG G . -1.57 0.90 -22.72
O4 PEG G . -0.90 1.85 -23.50
C1 PEG H . 6.13 14.47 -48.14
O1 PEG H . 5.66 13.72 -49.23
C2 PEG H . 6.96 15.64 -48.69
O2 PEG H . 7.53 16.37 -47.63
C3 PEG H . 8.92 16.44 -47.64
C4 PEG H . 9.47 16.11 -46.25
O4 PEG H . 10.83 16.48 -46.16
C1 PEG I . -4.68 -18.01 22.45
C2 PEG I . -5.12 -17.99 20.99
O2 PEG I . -3.97 -17.80 20.21
C3 PEG I . -3.21 -18.96 20.03
C4 PEG I . -1.73 -18.62 19.95
O4 PEG I . -1.48 -17.41 19.28
C1 PEG J . 7.33 17.64 -26.55
O1 PEG J . 7.12 16.63 -25.59
C2 PEG J . 7.09 17.09 -27.97
O2 PEG J . 7.20 18.14 -28.89
C3 PEG J . 8.16 17.99 -29.91
C4 PEG J . 9.37 17.17 -29.45
O4 PEG J . 10.03 17.80 -28.38
MG MG K . 5.11 10.08 -36.53
MG MG L . 4.19 14.49 -41.62
MG MG M . -2.33 17.40 -50.53
MG MG N . 7.92 -13.21 14.06
#